data_1Z2P
#
_entry.id   1Z2P
#
_cell.length_a   38.237
_cell.length_b   94.751
_cell.length_c   47.361
_cell.angle_alpha   90.00
_cell.angle_beta   110.40
_cell.angle_gamma   90.00
#
_symmetry.space_group_name_H-M   'P 1 21 1'
#
loop_
_entity.id
_entity.type
_entity.pdbx_description
1 polymer 'inositol 1,3,4-trisphosphate 5/6-kinase'
2 non-polymer 'MAGNESIUM ION'
3 non-polymer 'PHOSPHOMETHYLPHOSPHONIC ACID ADENYLATE ESTER'
4 non-polymer (1S,3S,4S)-1,3,4-TRIPHOSPHO-MYO-INOSITOL
5 water water
#
_entity_poly.entity_id   1
_entity_poly.type   'polypeptide(L)'
_entity_poly.pdbx_seq_one_letter_code
;GPLGSMTTKQTVSLFIWLPESKQKTLFISTKNHTQFELNNIIFDVTLSTELPDKEPNAIITKRTHPVGKMADEMRKYEKD
HPKVLFLESSAIHDMMSSREEINALLIKNNIPIPNSFSVKSKEEVIQLLQSKQLILPFIVKPENAQGTFNAHQMKIVLEQ
EGIDDIHFPCLCQHYINHNNKIVKVFCIGNTLKWQTRTSLPNVHRCGIKSVDFNNQHLEDILSWPEGVIDKQDIIENSAN
RFGSKILEDPILLNLTSEAEMRDLAYKVRCALGVQLCGIDFIKENEQGNPLVVDVNVFPSYGGKVDFDWFVEKVALCYTE
VAKI
;
_entity_poly.pdbx_strand_id   X
#
loop_
_chem_comp.id
_chem_comp.type
_chem_comp.name
_chem_comp.formula
ACP non-polymer 'PHOSPHOMETHYLPHOSPHONIC ACID ADENYLATE ESTER' 'C11 H18 N5 O12 P3'
I3S non-polymer (1S,3S,4S)-1,3,4-TRIPHOSPHO-MYO-INOSITOL 'C6 H15 O15 P3'
MG non-polymer 'MAGNESIUM ION' 'Mg 2'
#
# COMPACT_ATOMS: atom_id res chain seq x y z
N GLN A 10 28.58 -16.58 -13.68
CA GLN A 10 27.30 -17.22 -13.26
C GLN A 10 26.12 -16.56 -13.96
N THR A 11 25.08 -17.35 -14.22
CA THR A 11 23.87 -16.85 -14.88
C THR A 11 22.64 -17.04 -13.99
N VAL A 12 21.78 -16.03 -13.99
CA VAL A 12 20.52 -16.06 -13.27
C VAL A 12 19.41 -15.68 -14.23
N SER A 13 18.33 -16.47 -14.24
CA SER A 13 17.16 -16.16 -15.04
C SER A 13 16.05 -15.59 -14.17
N LEU A 14 15.58 -14.41 -14.54
CA LEU A 14 14.45 -13.77 -13.89
C LEU A 14 13.29 -13.72 -14.87
N PHE A 15 12.12 -14.13 -14.41
CA PHE A 15 10.93 -14.17 -15.25
C PHE A 15 9.90 -13.25 -14.62
N ILE A 16 9.52 -12.20 -15.36
CA ILE A 16 8.49 -11.26 -14.91
C ILE A 16 7.15 -11.69 -15.48
N TRP A 17 6.25 -12.09 -14.59
CA TRP A 17 4.95 -12.62 -14.96
C TRP A 17 3.89 -11.59 -14.57
N LEU A 18 3.44 -10.81 -15.55
CA LEU A 18 2.47 -9.75 -15.31
C LEU A 18 1.43 -9.68 -16.41
N PRO A 19 0.15 -9.46 -16.03
CA PRO A 19 -0.86 -9.26 -17.06
C PRO A 19 -0.63 -7.92 -17.76
N GLU A 20 -1.16 -7.78 -18.96
CA GLU A 20 -1.01 -6.54 -19.71
C GLU A 20 -1.51 -5.32 -18.95
N SER A 21 -2.58 -5.49 -18.18
CA SER A 21 -3.14 -4.39 -17.36
C SER A 21 -2.09 -3.78 -16.41
N LYS A 22 -1.31 -4.64 -15.76
CA LYS A 22 -0.26 -4.20 -14.84
C LYS A 22 0.98 -3.71 -15.59
N GLN A 23 1.31 -4.37 -16.70
CA GLN A 23 2.42 -3.93 -17.54
C GLN A 23 2.22 -2.50 -18.02
N LYS A 24 0.98 -2.17 -18.38
CA LYS A 24 0.64 -0.85 -18.90
C LYS A 24 0.73 0.25 -17.86
N THR A 25 0.25 -0.02 -16.64
CA THR A 25 0.30 0.97 -15.56
C THR A 25 1.70 1.11 -14.96
N LEU A 26 2.45 0.01 -14.94
CA LEU A 26 3.76 0.01 -14.30
C LEU A 26 4.87 0.57 -15.19
N PHE A 27 4.86 0.22 -16.47
CA PHE A 27 6.00 0.52 -17.34
C PHE A 27 5.73 1.58 -18.41
N ILE A 28 6.72 2.43 -18.66
CA ILE A 28 6.74 3.37 -19.79
C ILE A 28 6.67 2.56 -21.09
N SER A 29 7.57 1.58 -21.19
CA SER A 29 7.65 0.66 -22.31
C SER A 29 8.13 -0.67 -21.76
N THR A 30 8.06 -1.73 -22.58
CA THR A 30 8.49 -3.05 -22.15
C THR A 30 9.41 -3.71 -23.17
N LYS A 31 10.11 -4.75 -22.74
CA LYS A 31 10.95 -5.57 -23.62
C LYS A 31 10.80 -7.04 -23.25
N ASN A 32 10.87 -7.91 -24.26
CA ASN A 32 10.91 -9.35 -24.03
C ASN A 32 12.32 -9.74 -23.57
N HIS A 33 13.19 -10.04 -24.52
CA HIS A 33 14.57 -10.38 -24.20
C HIS A 33 15.31 -9.15 -23.68
N THR A 34 15.85 -9.27 -22.47
CA THR A 34 16.90 -8.36 -22.02
C THR A 34 17.93 -9.12 -21.18
N GLN A 35 19.19 -8.91 -21.51
CA GLN A 35 20.30 -9.52 -20.80
C GLN A 35 21.28 -8.43 -20.38
N PHE A 36 21.74 -8.49 -19.14
CA PHE A 36 22.72 -7.53 -18.64
C PHE A 36 23.59 -8.16 -17.57
N GLU A 37 24.73 -7.53 -17.29
CA GLU A 37 25.62 -7.98 -16.24
C GLU A 37 25.54 -7.02 -15.05
N LEU A 38 25.47 -7.60 -13.86
CA LEU A 38 25.47 -6.82 -12.63
C LEU A 38 26.24 -7.60 -11.57
N ASN A 39 27.25 -6.96 -10.99
CA ASN A 39 28.08 -7.55 -9.93
C ASN A 39 28.63 -8.94 -10.29
N ASN A 40 29.15 -9.05 -11.51
CA ASN A 40 29.78 -10.27 -12.03
C ASN A 40 28.80 -11.43 -12.29
N ILE A 41 27.52 -11.11 -12.39
CA ILE A 41 26.48 -12.10 -12.71
C ILE A 41 25.73 -11.67 -13.97
N ILE A 42 25.53 -12.61 -14.88
CA ILE A 42 24.73 -12.37 -16.08
C ILE A 42 23.25 -12.67 -15.79
N PHE A 43 22.41 -11.65 -15.94
CA PHE A 43 20.97 -11.79 -15.75
C PHE A 43 20.23 -11.87 -17.08
N ASP A 44 19.47 -12.94 -17.26
CA ASP A 44 18.56 -13.09 -18.39
C ASP A 44 17.13 -12.86 -17.92
N VAL A 45 16.48 -11.83 -18.46
CA VAL A 45 15.16 -11.42 -17.99
C VAL A 45 14.10 -11.55 -19.09
N THR A 46 13.03 -12.28 -18.78
CA THR A 46 11.92 -12.48 -19.71
C THR A 46 10.65 -11.92 -19.10
N LEU A 47 9.84 -11.27 -19.93
CA LEU A 47 8.54 -10.73 -19.52
C LEU A 47 7.43 -11.39 -20.32
N SER A 48 6.42 -11.89 -19.61
CA SER A 48 5.30 -12.60 -20.24
C SER A 48 4.05 -12.44 -19.40
N THR A 49 2.90 -12.60 -20.06
CA THR A 49 1.60 -12.62 -19.40
C THR A 49 1.29 -14.02 -18.87
N GLU A 50 2.07 -15.01 -19.31
CA GLU A 50 1.84 -16.40 -18.89
C GLU A 50 3.04 -16.97 -18.14
N LEU A 51 2.79 -17.99 -17.33
CA LEU A 51 3.84 -18.69 -16.60
C LEU A 51 4.90 -19.27 -17.52
N PRO A 52 6.15 -19.39 -17.01
CA PRO A 52 7.25 -19.86 -17.84
C PRO A 52 7.15 -21.34 -18.21
N ASP A 53 7.46 -21.63 -19.46
CA ASP A 53 7.50 -23.00 -19.96
C ASP A 53 8.75 -23.69 -19.42
N LYS A 54 9.81 -22.91 -19.22
CA LYS A 54 11.07 -23.39 -18.66
C LYS A 54 11.31 -22.74 -17.30
N GLU A 55 11.75 -23.55 -16.34
CA GLU A 55 11.88 -23.11 -14.94
C GLU A 55 13.01 -22.08 -14.76
N PRO A 56 12.68 -20.86 -14.27
CA PRO A 56 13.70 -19.83 -14.02
C PRO A 56 14.23 -19.91 -12.58
N ASN A 57 15.15 -19.03 -12.24
CA ASN A 57 15.60 -18.91 -10.85
C ASN A 57 14.64 -18.12 -9.97
N ALA A 58 13.95 -17.15 -10.58
CA ALA A 58 12.99 -16.33 -9.85
C ALA A 58 11.85 -15.90 -10.76
N ILE A 59 10.66 -15.80 -10.17
CA ILE A 59 9.50 -15.20 -10.83
C ILE A 59 9.12 -13.92 -10.08
N ILE A 60 8.96 -12.86 -10.84
CA ILE A 60 8.63 -11.53 -10.31
C ILE A 60 7.20 -11.29 -10.73
N THR A 61 6.31 -11.14 -9.76
CA THR A 61 4.90 -11.10 -10.09
C THR A 61 4.05 -10.37 -9.06
N LYS A 62 2.99 -9.73 -9.56
CA LYS A 62 1.92 -9.22 -8.73
C LYS A 62 0.66 -9.98 -9.10
N ARG A 63 0.05 -10.62 -8.12
CA ARG A 63 -1.18 -11.37 -8.32
C ARG A 63 -2.31 -10.36 -8.40
N THR A 64 -3.03 -10.36 -9.53
CA THR A 64 -4.01 -9.32 -9.85
C THR A 64 -5.20 -9.34 -8.87
N HIS A 65 -5.64 -10.54 -8.51
CA HIS A 65 -6.81 -10.74 -7.64
C HIS A 65 -6.57 -11.90 -6.68
N PRO A 66 -7.12 -11.79 -5.45
CA PRO A 66 -6.94 -12.84 -4.44
C PRO A 66 -7.47 -14.21 -4.89
N VAL A 67 -8.50 -14.21 -5.74
CA VAL A 67 -9.11 -15.45 -6.24
C VAL A 67 -9.17 -15.45 -7.77
N GLY A 68 -9.13 -16.63 -8.37
CA GLY A 68 -9.22 -16.76 -9.83
C GLY A 68 -8.06 -17.54 -10.47
N LYS A 69 -8.02 -17.53 -11.81
CA LYS A 69 -7.05 -18.29 -12.59
C LYS A 69 -5.58 -18.01 -12.23
N MET A 70 -5.19 -16.74 -12.19
CA MET A 70 -3.80 -16.40 -11.85
C MET A 70 -3.43 -16.89 -10.46
N ALA A 71 -4.30 -16.67 -9.49
CA ALA A 71 -4.06 -17.14 -8.13
C ALA A 71 -3.87 -18.66 -8.10
N ASP A 72 -4.73 -19.36 -8.85
CA ASP A 72 -4.68 -20.82 -8.91
C ASP A 72 -3.41 -21.32 -9.57
N GLU A 73 -3.05 -20.71 -10.71
CA GLU A 73 -1.84 -21.05 -11.44
C GLU A 73 -0.61 -20.83 -10.58
N MET A 74 -0.63 -19.74 -9.84
CA MET A 74 0.47 -19.37 -8.98
C MET A 74 0.74 -20.38 -7.88
N ARG A 75 -0.33 -20.75 -7.20
CA ARG A 75 -0.17 -21.68 -6.10
C ARG A 75 0.34 -23.04 -6.59
N LYS A 76 -0.19 -23.49 -7.72
CA LYS A 76 0.23 -24.75 -8.32
C LYS A 76 1.69 -24.70 -8.76
N TYR A 77 2.06 -23.61 -9.41
CA TYR A 77 3.44 -23.46 -9.88
C TYR A 77 4.41 -23.48 -8.70
N GLU A 78 4.10 -22.75 -7.64
CA GLU A 78 4.98 -22.67 -6.47
C GLU A 78 5.19 -24.05 -5.87
N LYS A 79 4.09 -24.79 -5.71
CA LYS A 79 4.14 -26.13 -5.13
C LYS A 79 5.03 -27.05 -5.94
N ASP A 80 4.88 -26.98 -7.25
CA ASP A 80 5.54 -27.91 -8.16
C ASP A 80 6.94 -27.48 -8.57
N HIS A 81 7.32 -26.24 -8.25
CA HIS A 81 8.66 -25.74 -8.52
C HIS A 81 9.23 -25.01 -7.30
N PRO A 82 9.47 -25.76 -6.21
CA PRO A 82 9.88 -25.15 -4.94
C PRO A 82 11.21 -24.37 -4.94
N LYS A 83 12.04 -24.59 -5.95
CA LYS A 83 13.33 -23.92 -6.03
C LYS A 83 13.25 -22.52 -6.61
N VAL A 84 12.11 -22.18 -7.22
CA VAL A 84 11.93 -20.87 -7.82
C VAL A 84 11.59 -19.85 -6.73
N LEU A 85 12.38 -18.78 -6.67
CA LEU A 85 12.07 -17.69 -5.73
C LEU A 85 10.96 -16.83 -6.31
N PHE A 86 9.92 -16.58 -5.54
CA PHE A 86 8.88 -15.64 -5.95
C PHE A 86 9.03 -14.30 -5.25
N LEU A 87 9.00 -13.25 -6.05
CA LEU A 87 8.87 -11.87 -5.57
C LEU A 87 7.62 -11.31 -6.26
N GLU A 88 6.44 -11.47 -5.65
CA GLU A 88 6.24 -12.02 -4.31
C GLU A 88 5.35 -13.26 -4.35
N SER A 89 5.50 -14.09 -3.35
CA SER A 89 4.84 -15.40 -3.28
C SER A 89 3.34 -15.29 -3.00
N SER A 90 2.62 -16.40 -3.16
CA SER A 90 1.20 -16.45 -2.82
C SER A 90 1.00 -16.16 -1.34
N ALA A 91 1.87 -16.72 -0.50
CA ALA A 91 1.78 -16.51 0.94
C ALA A 91 1.95 -15.03 1.32
N ILE A 92 2.88 -14.35 0.69
CA ILE A 92 3.07 -12.92 0.94
C ILE A 92 1.86 -12.11 0.44
N HIS A 93 1.36 -12.42 -0.75
CA HIS A 93 0.15 -11.74 -1.24
C HIS A 93 -1.03 -11.96 -0.31
N ASP A 94 -1.17 -13.19 0.18
CA ASP A 94 -2.28 -13.52 1.07
C ASP A 94 -2.22 -12.69 2.35
N MET A 95 -1.04 -12.63 2.96
CA MET A 95 -0.86 -11.85 4.18
C MET A 95 -1.12 -10.36 3.91
N MET A 96 -0.62 -9.87 2.78
CA MET A 96 -0.75 -8.46 2.43
C MET A 96 -2.14 -8.09 1.93
N SER A 97 -3.01 -9.09 1.81
CA SER A 97 -4.38 -8.88 1.41
C SER A 97 -5.25 -8.73 2.66
N SER A 98 -4.63 -8.84 3.83
CA SER A 98 -5.35 -8.77 5.11
C SER A 98 -4.84 -7.59 5.92
N ARG A 99 -5.70 -6.60 6.15
CA ARG A 99 -5.31 -5.47 6.99
C ARG A 99 -5.03 -5.91 8.43
N GLU A 100 -5.75 -6.93 8.91
CA GLU A 100 -5.45 -7.48 10.24
C GLU A 100 -4.03 -8.03 10.33
N GLU A 101 -3.65 -8.84 9.34
CA GLU A 101 -2.36 -9.52 9.39
C GLU A 101 -1.20 -8.55 9.25
N ILE A 102 -1.36 -7.55 8.37
CA ILE A 102 -0.35 -6.51 8.20
C ILE A 102 -0.14 -5.75 9.50
N ASN A 103 -1.23 -5.27 10.08
CA ASN A 103 -1.10 -4.45 11.27
C ASN A 103 -0.60 -5.25 12.47
N ALA A 104 -0.97 -6.52 12.55
CA ALA A 104 -0.46 -7.40 13.61
C ALA A 104 1.06 -7.50 13.54
N LEU A 105 1.60 -7.64 12.32
CA LEU A 105 3.04 -7.72 12.14
C LEU A 105 3.74 -6.40 12.42
N LEU A 106 3.12 -5.29 12.05
CA LEU A 106 3.68 -3.98 12.36
C LEU A 106 3.76 -3.76 13.88
N ILE A 107 2.67 -4.08 14.57
CA ILE A 107 2.61 -3.97 16.03
C ILE A 107 3.66 -4.88 16.69
N LYS A 108 3.72 -6.13 16.25
CA LYS A 108 4.67 -7.11 16.81
C LYS A 108 6.11 -6.65 16.64
N ASN A 109 6.36 -5.85 15.59
CA ASN A 109 7.69 -5.38 15.30
C ASN A 109 7.95 -3.93 15.69
N ASN A 110 7.07 -3.38 16.53
CA ASN A 110 7.29 -2.06 17.13
C ASN A 110 7.41 -0.94 16.11
N ILE A 111 6.58 -1.01 15.07
CA ILE A 111 6.51 0.01 14.03
C ILE A 111 5.26 0.84 14.31
N PRO A 112 5.43 2.13 14.65
CA PRO A 112 4.28 2.98 14.92
C PRO A 112 3.23 3.04 13.81
N ILE A 113 1.99 2.89 14.26
CA ILE A 113 0.79 3.02 13.45
C ILE A 113 -0.21 3.83 14.28
N PRO A 114 -1.24 4.45 13.66
CA PRO A 114 -2.31 5.00 14.48
C PRO A 114 -3.01 3.82 15.15
N ASN A 115 -3.61 4.06 16.33
CA ASN A 115 -4.18 2.98 17.12
C ASN A 115 -5.22 2.25 16.29
N SER A 116 -5.11 0.92 16.22
CA SER A 116 -5.85 0.12 15.25
C SER A 116 -6.46 -1.12 15.88
N PHE A 117 -7.64 -1.50 15.41
CA PHE A 117 -8.37 -2.65 15.93
C PHE A 117 -9.03 -3.37 14.77
N SER A 118 -8.76 -4.66 14.65
CA SER A 118 -9.44 -5.49 13.67
C SER A 118 -10.68 -6.07 14.32
N VAL A 119 -11.82 -5.71 13.75
CA VAL A 119 -13.11 -5.98 14.37
C VAL A 119 -13.98 -6.83 13.46
N LYS A 120 -14.83 -7.62 14.09
CA LYS A 120 -15.70 -8.52 13.35
C LYS A 120 -17.19 -8.13 13.43
N SER A 121 -17.53 -7.25 14.37
CA SER A 121 -18.94 -6.93 14.64
C SER A 121 -19.14 -5.53 15.23
N LYS A 122 -20.37 -5.03 15.12
CA LYS A 122 -20.73 -3.76 15.75
C LYS A 122 -20.60 -3.81 17.28
N GLU A 123 -21.00 -4.94 17.89
CA GLU A 123 -20.85 -5.09 19.34
C GLU A 123 -19.40 -4.88 19.80
N GLU A 124 -18.46 -5.37 19.00
CA GLU A 124 -17.04 -5.20 19.32
C GLU A 124 -16.63 -3.72 19.24
N VAL A 125 -17.09 -3.02 18.20
CA VAL A 125 -16.82 -1.59 18.05
C VAL A 125 -17.38 -0.79 19.24
N ILE A 126 -18.62 -1.11 19.62
CA ILE A 126 -19.26 -0.47 20.78
C ILE A 126 -18.43 -0.63 22.06
N GLN A 127 -17.89 -1.83 22.29
CA GLN A 127 -17.11 -2.09 23.50
C GLN A 127 -15.78 -1.32 23.49
N LEU A 128 -15.17 -1.23 22.31
CA LEU A 128 -13.93 -0.47 22.16
C LEU A 128 -14.14 1.02 22.41
N LEU A 129 -15.29 1.53 21.98
CA LEU A 129 -15.64 2.93 22.22
C LEU A 129 -15.96 3.17 23.69
N GLN A 130 -16.76 2.28 24.26
CA GLN A 130 -17.21 2.40 25.66
C GLN A 130 -16.05 2.32 26.66
N SER A 131 -15.04 1.52 26.35
CA SER A 131 -13.85 1.38 27.19
C SER A 131 -12.74 2.40 26.89
N LYS A 132 -13.01 3.33 25.98
CA LYS A 132 -12.08 4.42 25.61
C LYS A 132 -10.76 3.93 24.99
N GLN A 133 -10.84 2.77 24.34
CA GLN A 133 -9.71 2.23 23.59
C GLN A 133 -9.67 2.84 22.19
N LEU A 134 -10.82 2.80 21.51
CA LEU A 134 -10.96 3.41 20.20
C LEU A 134 -11.47 4.84 20.37
N ILE A 135 -10.69 5.81 19.90
CA ILE A 135 -10.99 7.23 20.06
C ILE A 135 -11.50 7.80 18.73
N LEU A 136 -12.59 8.57 18.81
CA LEU A 136 -13.14 9.25 17.64
C LEU A 136 -12.26 10.44 17.23
N PRO A 137 -12.24 10.79 15.94
CA PRO A 137 -12.81 10.05 14.81
C PRO A 137 -11.94 8.85 14.46
N PHE A 138 -12.49 7.89 13.72
CA PHE A 138 -11.71 6.78 13.23
C PHE A 138 -12.09 6.43 11.82
N ILE A 139 -11.13 5.92 11.06
CA ILE A 139 -11.37 5.47 9.72
C ILE A 139 -11.62 3.96 9.75
N VAL A 140 -12.56 3.53 8.94
CA VAL A 140 -12.94 2.14 8.83
C VAL A 140 -12.50 1.63 7.46
N LYS A 141 -11.56 0.69 7.47
CA LYS A 141 -11.02 0.12 6.23
C LYS A 141 -11.44 -1.35 6.13
N PRO A 142 -11.80 -1.81 4.93
CA PRO A 142 -12.16 -3.23 4.82
C PRO A 142 -11.02 -4.16 5.26
N GLU A 143 -11.37 -5.32 5.80
CA GLU A 143 -10.34 -6.32 6.10
C GLU A 143 -9.58 -6.74 4.84
N ASN A 144 -10.30 -6.89 3.74
CA ASN A 144 -9.67 -7.19 2.46
C ASN A 144 -8.97 -5.95 1.91
N ALA A 145 -7.67 -6.09 1.65
CA ALA A 145 -6.81 -4.94 1.40
C ALA A 145 -6.43 -4.70 -0.06
N GLN A 146 -6.65 -5.69 -0.92
CA GLN A 146 -6.07 -5.66 -2.27
C GLN A 146 -6.89 -6.46 -3.28
N GLY A 147 -7.10 -5.87 -4.47
CA GLY A 147 -7.63 -6.63 -5.60
C GLY A 147 -9.06 -6.33 -6.06
N THR A 148 -9.76 -5.48 -5.33
CA THR A 148 -11.14 -5.08 -5.67
C THR A 148 -11.39 -3.60 -5.40
N PHE A 149 -12.43 -3.05 -6.03
CA PHE A 149 -12.91 -1.70 -5.73
C PHE A 149 -13.32 -1.60 -4.26
N ASN A 150 -14.00 -2.63 -3.77
CA ASN A 150 -14.48 -2.67 -2.39
C ASN A 150 -13.37 -2.65 -1.34
N ALA A 151 -12.17 -3.14 -1.69
CA ALA A 151 -11.03 -3.14 -0.78
C ALA A 151 -10.59 -1.73 -0.37
N HIS A 152 -11.06 -0.72 -1.12
CA HIS A 152 -10.65 0.68 -0.93
C HIS A 152 -11.80 1.58 -0.52
N GLN A 153 -12.91 0.95 -0.13
CA GLN A 153 -14.13 1.68 0.25
C GLN A 153 -14.10 1.98 1.74
N MET A 154 -13.92 3.26 2.08
CA MET A 154 -13.66 3.69 3.45
C MET A 154 -14.81 4.51 4.05
N LYS A 155 -14.91 4.46 5.38
CA LYS A 155 -15.84 5.32 6.11
C LYS A 155 -15.05 6.02 7.20
N ILE A 156 -15.27 7.32 7.41
CA ILE A 156 -14.73 8.01 8.57
C ILE A 156 -15.88 8.24 9.54
N VAL A 157 -15.75 7.64 10.71
CA VAL A 157 -16.77 7.74 11.74
C VAL A 157 -16.39 8.90 12.65
N LEU A 158 -17.28 9.89 12.72
CA LEU A 158 -17.04 11.12 13.46
C LEU A 158 -17.71 11.14 14.83
N GLU A 159 -18.81 10.39 14.94
CA GLU A 159 -19.56 10.27 16.19
C GLU A 159 -19.98 8.82 16.36
N GLN A 160 -20.33 8.42 17.58
CA GLN A 160 -20.67 7.02 17.85
C GLN A 160 -21.81 6.50 16.97
N GLU A 161 -22.78 7.37 16.67
CA GLU A 161 -23.91 7.00 15.82
C GLU A 161 -23.49 6.66 14.38
N GLY A 162 -22.29 7.11 14.01
CA GLY A 162 -21.78 6.87 12.67
C GLY A 162 -21.36 5.43 12.38
N ILE A 163 -21.46 4.56 13.39
CA ILE A 163 -21.06 3.15 13.22
C ILE A 163 -22.13 2.28 12.55
N ASP A 164 -23.35 2.81 12.41
CA ASP A 164 -24.51 1.97 12.06
C ASP A 164 -24.39 1.19 10.75
N ASP A 165 -23.80 1.79 9.73
CA ASP A 165 -23.69 1.16 8.41
C ASP A 165 -22.30 0.59 8.09
N ILE A 166 -21.46 0.38 9.09
CA ILE A 166 -20.13 -0.21 8.86
C ILE A 166 -20.26 -1.60 8.24
N HIS A 167 -19.41 -1.89 7.26
CA HIS A 167 -19.28 -3.23 6.70
C HIS A 167 -18.17 -4.00 7.43
N PHE A 168 -18.52 -5.17 7.95
CA PHE A 168 -17.59 -6.03 8.70
C PHE A 168 -17.21 -7.28 7.89
N PRO A 169 -16.01 -7.86 8.13
CA PRO A 169 -14.97 -7.43 9.06
C PRO A 169 -14.20 -6.23 8.52
N CYS A 170 -13.60 -5.48 9.42
CA CYS A 170 -12.90 -4.26 9.03
C CYS A 170 -11.87 -3.88 10.07
N LEU A 171 -10.97 -2.99 9.65
CA LEU A 171 -10.01 -2.36 10.53
C LEU A 171 -10.55 -1.00 10.94
N CYS A 172 -10.66 -0.75 12.24
CA CYS A 172 -10.99 0.58 12.75
C CYS A 172 -9.71 1.20 13.27
N GLN A 173 -9.34 2.35 12.69
CA GLN A 173 -8.05 2.96 12.97
C GLN A 173 -8.26 4.43 13.32
N HIS A 174 -7.70 4.88 14.42
CA HIS A 174 -7.88 6.27 14.82
C HIS A 174 -7.46 7.19 13.68
N TYR A 175 -8.30 8.19 13.41
CA TYR A 175 -8.07 9.14 12.32
C TYR A 175 -7.12 10.21 12.81
N ILE A 176 -6.04 10.41 12.07
CA ILE A 176 -5.03 11.39 12.41
C ILE A 176 -5.18 12.61 11.50
N ASN A 177 -5.31 13.79 12.09
CA ASN A 177 -5.23 15.02 11.30
C ASN A 177 -3.76 15.26 10.97
N HIS A 178 -3.44 15.10 9.70
CA HIS A 178 -2.05 15.06 9.25
C HIS A 178 -1.75 16.14 8.21
N ASN A 179 -2.62 17.16 8.17
CA ASN A 179 -2.49 18.29 7.25
C ASN A 179 -2.41 17.90 5.78
N ASN A 180 -3.10 16.82 5.42
CA ASN A 180 -3.33 16.48 4.03
C ASN A 180 -2.03 16.23 3.24
N LYS A 181 -1.07 15.57 3.89
CA LYS A 181 0.18 15.17 3.26
C LYS A 181 0.49 13.74 3.67
N ILE A 182 0.82 12.91 2.68
CA ILE A 182 1.20 11.54 2.92
C ILE A 182 2.53 11.26 2.23
N VAL A 183 3.40 10.54 2.91
CA VAL A 183 4.68 10.16 2.32
C VAL A 183 4.55 8.73 1.81
N LYS A 184 4.93 8.54 0.56
CA LYS A 184 4.90 7.24 -0.08
C LYS A 184 6.34 6.79 -0.31
N VAL A 185 6.68 5.64 0.23
CA VAL A 185 8.01 5.05 0.06
C VAL A 185 7.82 3.74 -0.72
N PHE A 186 8.45 3.66 -1.88
CA PHE A 186 8.40 2.46 -2.70
C PHE A 186 9.73 1.73 -2.61
N CYS A 187 9.68 0.42 -2.46
CA CYS A 187 10.89 -0.41 -2.29
C CYS A 187 11.02 -1.52 -3.30
N ILE A 188 12.25 -1.72 -3.78
CA ILE A 188 12.64 -2.86 -4.56
C ILE A 188 13.81 -3.35 -3.72
N GLY A 189 13.49 -4.00 -2.63
CA GLY A 189 14.49 -4.41 -1.69
C GLY A 189 15.01 -3.12 -1.05
N ASN A 190 16.33 -2.98 -1.00
CA ASN A 190 16.98 -1.81 -0.42
C ASN A 190 16.93 -0.55 -1.29
N THR A 191 16.52 -0.69 -2.56
CA THR A 191 16.39 0.46 -3.45
C THR A 191 15.06 1.15 -3.20
N LEU A 192 15.10 2.45 -2.93
CA LEU A 192 13.90 3.22 -2.59
C LEU A 192 13.62 4.35 -3.56
N LYS A 193 12.33 4.63 -3.72
CA LYS A 193 11.82 5.81 -4.41
C LYS A 193 10.76 6.40 -3.47
N TRP A 194 10.77 7.71 -3.26
CA TRP A 194 9.77 8.30 -2.36
C TRP A 194 9.17 9.56 -2.96
N GLN A 195 8.01 9.93 -2.44
CA GLN A 195 7.32 11.15 -2.84
C GLN A 195 6.34 11.57 -1.75
N THR A 196 5.87 12.81 -1.83
CA THR A 196 4.75 13.28 -1.03
C THR A 196 3.55 13.45 -1.93
N ARG A 197 2.37 13.11 -1.42
CA ARG A 197 1.12 13.38 -2.13
C ARG A 197 0.14 14.03 -1.18
N THR A 198 -0.89 14.67 -1.71
CA THR A 198 -2.05 15.01 -0.88
C THR A 198 -2.67 13.70 -0.43
N SER A 199 -3.56 13.79 0.54
CA SER A 199 -3.96 12.65 1.31
C SER A 199 -5.46 12.80 1.58
N LEU A 200 -5.85 13.04 2.82
CA LEU A 200 -7.21 13.45 3.15
C LEU A 200 -7.11 14.72 3.97
N PRO A 201 -8.12 15.59 3.88
CA PRO A 201 -8.10 16.80 4.71
C PRO A 201 -8.25 16.47 6.20
N ASN A 202 -7.80 17.41 7.04
CA ASN A 202 -8.15 17.38 8.46
C ASN A 202 -9.67 17.40 8.57
N VAL A 203 -10.21 16.63 9.51
CA VAL A 203 -11.66 16.59 9.67
C VAL A 203 -12.09 17.23 10.98
N HIS A 204 -13.34 17.68 10.99
CA HIS A 204 -13.97 18.37 12.10
C HIS A 204 -15.20 17.62 12.56
N ARG A 205 -15.36 17.51 13.87
CA ARG A 205 -16.53 16.86 14.44
C ARG A 205 -17.62 17.89 14.71
N CYS A 206 -18.31 18.28 13.65
CA CYS A 206 -19.29 19.37 13.72
C CYS A 206 -20.70 18.90 14.00
N GLY A 207 -20.89 17.58 14.13
CA GLY A 207 -22.22 17.02 14.33
C GLY A 207 -22.56 15.93 13.33
N ILE A 208 -21.97 16.00 12.13
CA ILE A 208 -22.12 14.95 11.14
C ILE A 208 -21.57 13.63 11.71
N LYS A 209 -22.27 12.52 11.50
CA LYS A 209 -21.91 11.29 12.18
C LYS A 209 -20.82 10.48 11.47
N SER A 210 -20.81 10.54 10.15
CA SER A 210 -19.83 9.80 9.34
C SER A 210 -19.83 10.36 7.93
N VAL A 211 -18.74 10.10 7.20
CA VAL A 211 -18.64 10.38 5.77
C VAL A 211 -17.98 9.17 5.11
N ASP A 212 -18.15 9.05 3.80
CA ASP A 212 -17.66 7.90 3.06
C ASP A 212 -16.83 8.33 1.86
N PHE A 213 -15.85 7.52 1.49
CA PHE A 213 -15.10 7.76 0.26
C PHE A 213 -14.45 6.47 -0.19
N ASN A 214 -14.28 6.31 -1.50
CA ASN A 214 -13.43 5.26 -2.02
C ASN A 214 -12.09 5.90 -2.38
N ASN A 215 -10.99 5.27 -1.95
CA ASN A 215 -9.66 5.84 -2.18
C ASN A 215 -9.30 5.95 -3.66
N GLN A 216 -10.01 5.20 -4.50
CA GLN A 216 -9.84 5.28 -5.95
C GLN A 216 -10.73 6.34 -6.59
N HIS A 217 -11.61 6.93 -5.79
CA HIS A 217 -12.57 7.91 -6.28
C HIS A 217 -12.69 9.07 -5.28
N LEU A 218 -11.60 9.79 -5.10
CA LEU A 218 -11.51 10.83 -4.07
C LEU A 218 -12.45 12.02 -4.31
N GLU A 219 -12.99 12.13 -5.53
CA GLU A 219 -14.01 13.14 -5.80
C GLU A 219 -15.24 12.96 -4.92
N ASP A 220 -15.40 11.78 -4.31
CA ASP A 220 -16.43 11.55 -3.29
C ASP A 220 -16.42 12.64 -2.22
N ILE A 221 -15.24 13.15 -1.91
CA ILE A 221 -15.07 14.12 -0.84
C ILE A 221 -15.79 15.45 -1.16
N LEU A 222 -15.96 15.73 -2.45
CA LEU A 222 -16.69 16.95 -2.88
C LEU A 222 -18.13 16.97 -2.38
N SER A 223 -18.65 15.79 -2.08
CA SER A 223 -20.04 15.65 -1.64
C SER A 223 -20.23 15.57 -0.13
N TRP A 224 -19.14 15.63 0.64
CA TRP A 224 -19.28 15.59 2.10
C TRP A 224 -20.08 16.79 2.60
N PRO A 225 -20.89 16.60 3.67
CA PRO A 225 -21.67 17.71 4.21
C PRO A 225 -20.79 18.84 4.72
N GLU A 226 -21.30 20.07 4.63
CA GLU A 226 -20.62 21.24 5.14
C GLU A 226 -20.26 21.07 6.62
N GLY A 227 -19.05 21.50 6.96
CA GLY A 227 -18.58 21.46 8.33
C GLY A 227 -17.56 20.39 8.63
N VAL A 228 -17.55 19.31 7.85
CA VAL A 228 -16.57 18.25 8.08
C VAL A 228 -15.16 18.73 7.71
N ILE A 229 -15.06 19.49 6.62
CA ILE A 229 -13.80 20.05 6.15
C ILE A 229 -13.86 21.57 6.28
N ASP A 230 -12.78 22.17 6.77
CA ASP A 230 -12.65 23.63 6.85
C ASP A 230 -12.83 24.27 5.46
N LYS A 231 -13.51 25.42 5.41
CA LYS A 231 -13.80 26.11 4.15
C LYS A 231 -12.53 26.37 3.32
N GLN A 232 -11.44 26.72 3.99
CA GLN A 232 -10.18 27.01 3.29
C GLN A 232 -9.61 25.76 2.67
N ASP A 233 -9.75 24.62 3.35
CA ASP A 233 -9.32 23.34 2.80
C ASP A 233 -10.17 22.91 1.59
N ILE A 234 -11.44 23.27 1.60
CA ILE A 234 -12.28 23.04 0.42
C ILE A 234 -11.77 23.89 -0.76
N ILE A 235 -11.48 25.16 -0.49
CA ILE A 235 -10.95 26.06 -1.51
C ILE A 235 -9.64 25.50 -2.08
N GLU A 236 -8.73 25.10 -1.20
CA GLU A 236 -7.41 24.69 -1.66
C GLU A 236 -7.36 23.35 -2.40
N ASN A 237 -8.39 22.52 -2.25
CA ASN A 237 -8.37 21.16 -2.83
C ASN A 237 -9.46 20.84 -3.85
N SER A 238 -10.42 21.74 -4.02
CA SER A 238 -11.57 21.44 -4.86
C SER A 238 -11.26 21.44 -6.35
N ALA A 239 -10.31 22.27 -6.76
CA ALA A 239 -9.91 22.36 -8.16
C ALA A 239 -9.38 21.02 -8.70
N ASN A 240 -8.66 20.26 -7.88
CA ASN A 240 -8.23 18.94 -8.36
C ASN A 240 -9.13 17.82 -7.86
N ARG A 241 -10.33 18.20 -7.39
CA ARG A 241 -11.35 17.24 -6.97
C ARG A 241 -10.85 16.31 -5.87
N PHE A 242 -10.01 16.86 -4.98
CA PHE A 242 -9.41 16.13 -3.85
C PHE A 242 -8.55 14.94 -4.31
N GLY A 243 -8.18 14.91 -5.59
CA GLY A 243 -7.34 13.85 -6.13
C GLY A 243 -5.98 13.75 -5.44
N SER A 244 -5.42 12.55 -5.48
CA SER A 244 -4.09 12.30 -4.92
C SER A 244 -3.03 12.98 -5.79
N LYS A 245 -2.61 14.17 -5.40
CA LYS A 245 -1.74 15.04 -6.19
C LYS A 245 -0.31 15.00 -5.65
N ILE A 246 0.66 14.94 -6.54
CA ILE A 246 2.07 15.03 -6.16
C ILE A 246 2.37 16.38 -5.53
N LEU A 247 3.15 16.36 -4.45
CA LEU A 247 3.60 17.56 -3.80
C LEU A 247 5.13 17.60 -3.85
N GLU A 248 5.72 18.60 -3.20
CA GLU A 248 7.17 18.70 -3.12
C GLU A 248 7.75 17.49 -2.38
N ASP A 249 9.02 17.21 -2.63
CA ASP A 249 9.73 16.10 -1.99
C ASP A 249 9.61 16.20 -0.47
N PRO A 250 9.40 15.05 0.20
CA PRO A 250 9.11 15.09 1.64
C PRO A 250 10.27 15.54 2.53
N ILE A 251 11.51 15.39 2.06
CA ILE A 251 12.65 15.95 2.79
C ILE A 251 12.66 17.47 2.64
N LEU A 252 12.44 17.95 1.43
CA LEU A 252 12.35 19.41 1.22
C LEU A 252 11.23 20.07 2.01
N LEU A 253 10.14 19.32 2.22
CA LEU A 253 9.02 19.80 3.02
C LEU A 253 9.25 19.70 4.52
N ASN A 254 10.40 19.18 4.93
CA ASN A 254 10.74 18.95 6.33
C ASN A 254 9.79 17.97 7.02
N LEU A 255 9.19 17.08 6.23
CA LEU A 255 8.32 16.05 6.77
C LEU A 255 9.09 14.88 7.33
N THR A 256 10.20 14.54 6.69
CA THR A 256 11.00 13.37 7.04
C THR A 256 12.42 13.57 6.52
N SER A 257 13.25 12.54 6.69
CA SER A 257 14.62 12.56 6.20
C SER A 257 14.85 11.25 5.46
N GLU A 258 15.89 11.24 4.64
CA GLU A 258 16.27 10.04 3.93
C GLU A 258 16.57 8.90 4.91
N ALA A 259 17.31 9.20 5.98
CA ALA A 259 17.65 8.17 6.96
C ALA A 259 16.39 7.61 7.61
N GLU A 260 15.44 8.48 7.96
CA GLU A 260 14.18 8.02 8.54
C GLU A 260 13.43 7.08 7.59
N MET A 261 13.31 7.47 6.33
CA MET A 261 12.61 6.64 5.34
C MET A 261 13.31 5.28 5.16
N ARG A 262 14.64 5.29 5.09
CA ARG A 262 15.38 4.03 4.89
C ARG A 262 15.23 3.12 6.09
N ASP A 263 15.29 3.69 7.28
CA ASP A 263 15.14 2.93 8.51
C ASP A 263 13.75 2.29 8.59
N LEU A 264 12.72 3.11 8.35
CA LEU A 264 11.35 2.64 8.39
C LEU A 264 11.10 1.55 7.34
N ALA A 265 11.56 1.79 6.13
CA ALA A 265 11.35 0.82 5.06
C ALA A 265 12.03 -0.53 5.36
N TYR A 266 13.24 -0.47 5.90
CA TYR A 266 13.94 -1.70 6.30
C TYR A 266 13.15 -2.46 7.37
N LYS A 267 12.66 -1.72 8.38
CA LYS A 267 11.90 -2.35 9.44
C LYS A 267 10.62 -3.01 8.91
N VAL A 268 9.93 -2.33 8.01
CA VAL A 268 8.69 -2.87 7.45
C VAL A 268 9.00 -4.11 6.60
N ARG A 269 10.02 -4.04 5.76
CA ARG A 269 10.37 -5.18 4.91
C ARG A 269 10.72 -6.40 5.76
N CYS A 270 11.46 -6.18 6.84
CA CYS A 270 11.83 -7.28 7.73
C CYS A 270 10.61 -7.83 8.47
N ALA A 271 9.74 -6.95 8.95
CA ALA A 271 8.53 -7.37 9.66
C ALA A 271 7.62 -8.23 8.78
N LEU A 272 7.49 -7.85 7.52
CA LEU A 272 6.54 -8.48 6.61
C LEU A 272 7.16 -9.53 5.70
N GLY A 273 8.48 -9.60 5.66
CA GLY A 273 9.18 -10.54 4.77
C GLY A 273 8.98 -10.25 3.29
N VAL A 274 8.88 -8.97 2.93
CA VAL A 274 8.55 -8.55 1.58
C VAL A 274 9.68 -7.69 1.01
N GLN A 275 9.94 -7.84 -0.28
CA GLN A 275 10.95 -7.03 -0.97
C GLN A 275 10.32 -5.94 -1.83
N LEU A 276 9.25 -6.27 -2.55
CA LEU A 276 8.62 -5.32 -3.47
C LEU A 276 7.37 -4.79 -2.80
N CYS A 277 7.43 -3.57 -2.29
CA CYS A 277 6.31 -3.03 -1.53
C CYS A 277 6.30 -1.51 -1.57
N GLY A 278 5.14 -0.97 -1.19
CA GLY A 278 4.97 0.46 -0.98
C GLY A 278 4.47 0.68 0.43
N ILE A 279 4.98 1.71 1.06
CA ILE A 279 4.65 2.07 2.43
C ILE A 279 4.08 3.49 2.41
N ASP A 280 2.91 3.68 3.02
CA ASP A 280 2.31 5.00 3.18
C ASP A 280 2.42 5.41 4.63
N PHE A 281 2.95 6.59 4.91
CA PHE A 281 2.95 7.10 6.28
C PHE A 281 2.56 8.57 6.37
N ILE A 282 1.96 8.92 7.51
CA ILE A 282 1.54 10.27 7.80
C ILE A 282 2.15 10.69 9.14
N LYS A 283 2.08 12.00 9.44
CA LYS A 283 2.49 12.50 10.75
C LYS A 283 1.42 13.41 11.29
N GLU A 284 1.10 13.25 12.57
CA GLU A 284 0.08 14.09 13.19
C GLU A 284 0.55 15.54 13.21
N ASN A 285 -0.24 16.43 12.60
CA ASN A 285 0.15 17.84 12.43
C ASN A 285 1.55 17.96 11.80
N GLU A 286 1.90 17.00 10.95
CA GLU A 286 3.19 16.95 10.23
C GLU A 286 4.42 16.80 11.12
N GLN A 287 4.21 16.42 12.38
CA GLN A 287 5.32 16.34 13.33
C GLN A 287 5.38 15.00 14.03
N GLY A 288 6.59 14.62 14.45
CA GLY A 288 6.77 13.45 15.29
C GLY A 288 6.99 12.17 14.51
N ASN A 289 6.61 11.05 15.12
CA ASN A 289 6.85 9.73 14.53
C ASN A 289 6.11 9.54 13.22
N PRO A 290 6.74 8.91 12.22
CA PRO A 290 5.94 8.41 11.10
C PRO A 290 4.91 7.42 11.61
N LEU A 291 3.70 7.51 11.09
CA LEU A 291 2.62 6.58 11.42
C LEU A 291 2.26 5.85 10.15
N VAL A 292 2.56 4.56 10.09
CA VAL A 292 2.30 3.78 8.89
C VAL A 292 0.81 3.49 8.80
N VAL A 293 0.21 3.88 7.67
CA VAL A 293 -1.23 3.68 7.46
C VAL A 293 -1.54 2.61 6.42
N ASP A 294 -0.56 2.19 5.62
CA ASP A 294 -0.80 1.22 4.56
C ASP A 294 0.52 0.64 4.10
N VAL A 295 0.52 -0.65 3.81
CA VAL A 295 1.64 -1.31 3.13
C VAL A 295 1.05 -2.16 2.03
N ASN A 296 1.57 -1.98 0.82
CA ASN A 296 1.05 -2.63 -0.37
C ASN A 296 2.11 -3.49 -1.03
N VAL A 297 1.69 -4.66 -1.52
CA VAL A 297 2.61 -5.51 -2.27
C VAL A 297 2.76 -5.00 -3.71
N PHE A 298 3.99 -5.01 -4.21
CA PHE A 298 4.30 -4.71 -5.61
C PHE A 298 3.44 -3.55 -6.13
N PRO A 299 3.68 -2.33 -5.62
CA PRO A 299 2.87 -1.14 -5.87
C PRO A 299 3.06 -0.50 -7.24
N SER A 300 2.56 0.74 -7.35
CA SER A 300 2.59 1.54 -8.58
C SER A 300 3.98 2.09 -8.90
N TYR A 301 4.83 2.20 -7.89
CA TYR A 301 6.13 2.91 -7.97
C TYR A 301 6.02 4.34 -8.51
N GLY A 302 4.84 4.94 -8.34
CA GLY A 302 4.58 6.28 -8.87
C GLY A 302 4.10 6.30 -10.32
N GLY A 303 3.96 5.11 -10.91
CA GLY A 303 3.43 4.96 -12.27
C GLY A 303 4.42 5.20 -13.38
N LYS A 304 4.28 4.44 -14.47
CA LYS A 304 5.06 4.63 -15.69
C LYS A 304 6.56 4.74 -15.36
N VAL A 305 7.13 3.63 -14.90
CA VAL A 305 8.56 3.57 -14.60
C VAL A 305 9.37 2.97 -15.76
N ASP A 306 10.67 3.22 -15.74
CA ASP A 306 11.59 2.73 -16.75
C ASP A 306 11.81 1.23 -16.58
N PHE A 307 11.57 0.47 -17.65
CA PHE A 307 11.69 -0.99 -17.63
C PHE A 307 13.08 -1.46 -17.23
N ASP A 308 14.10 -0.90 -17.87
CA ASP A 308 15.49 -1.26 -17.61
C ASP A 308 15.90 -1.00 -16.16
N TRP A 309 15.50 0.16 -15.62
CA TRP A 309 15.73 0.51 -14.22
C TRP A 309 15.12 -0.54 -13.30
N PHE A 310 13.85 -0.87 -13.56
CA PHE A 310 13.13 -1.80 -12.71
C PHE A 310 13.81 -3.16 -12.65
N VAL A 311 14.18 -3.70 -13.80
CA VAL A 311 14.74 -5.05 -13.84
C VAL A 311 16.15 -5.11 -13.23
N GLU A 312 16.94 -4.05 -13.40
CA GLU A 312 18.25 -3.99 -12.76
C GLU A 312 18.13 -3.97 -11.24
N LYS A 313 17.17 -3.20 -10.72
CA LYS A 313 16.97 -3.12 -9.27
C LYS A 313 16.41 -4.42 -8.71
N VAL A 314 15.57 -5.11 -9.49
CA VAL A 314 15.10 -6.45 -9.12
C VAL A 314 16.29 -7.43 -9.06
N ALA A 315 17.18 -7.36 -10.04
CA ALA A 315 18.37 -8.21 -10.04
C ALA A 315 19.26 -7.95 -8.83
N LEU A 316 19.44 -6.68 -8.49
CA LEU A 316 20.21 -6.30 -7.31
C LEU A 316 19.60 -6.92 -6.06
N CYS A 317 18.28 -6.76 -5.94
CA CYS A 317 17.51 -7.37 -4.84
C CYS A 317 17.73 -8.88 -4.79
N TYR A 318 17.61 -9.55 -5.94
CA TYR A 318 17.85 -10.99 -6.01
C TYR A 318 19.20 -11.40 -5.41
N THR A 319 20.26 -10.65 -5.74
CA THR A 319 21.60 -10.98 -5.24
C THR A 319 21.68 -10.87 -3.71
N GLU A 320 20.96 -9.90 -3.16
CA GLU A 320 20.98 -9.64 -1.73
C GLU A 320 20.06 -10.62 -0.97
MG MG B . -2.76 3.68 0.47
MG MG C . -3.27 -0.32 0.43
PG ACP D . -3.63 2.11 -1.69
O1G ACP D . -3.51 0.62 -1.41
O2G ACP D . -2.35 2.91 -1.53
O3G ACP D . -4.43 2.42 -2.93
PB ACP D . -5.66 1.78 0.57
O1B ACP D . -4.96 0.50 0.96
O2B ACP D . -7.00 1.70 -0.12
C3B ACP D . -4.61 2.85 -0.37
PA ACP D . -5.13 3.43 2.94
O1A ACP D . -4.97 2.66 4.22
O2A ACP D . -3.89 3.96 2.27
O3A ACP D . -6.03 2.57 1.92
O5' ACP D . -6.13 4.64 3.27
C5' ACP D . -6.61 5.46 2.21
C4' ACP D . -6.29 6.92 2.51
O4' ACP D . -6.91 7.32 3.72
C3' ACP D . -4.81 7.21 2.74
O3' ACP D . -4.14 7.51 1.52
C2' ACP D . -4.82 8.44 3.61
O2' ACP D . -5.12 9.61 2.82
C1' ACP D . -6.04 8.19 4.46
N9 ACP D . -5.77 7.52 5.75
C8 ACP D . -5.55 6.20 5.95
N7 ACP D . -5.43 5.90 7.26
C5 ACP D . -5.59 7.07 7.91
C6 ACP D . -5.60 7.48 9.31
N6 ACP D . -5.41 6.59 10.29
N1 ACP D . -5.83 8.77 9.59
C2 ACP D . -6.02 9.68 8.60
N3 ACP D . -6.05 9.40 7.30
C4 ACP D . -5.84 8.12 6.92
O11 I3S E . -0.86 -0.42 -9.96
P3 I3S E . -1.97 -1.55 -9.61
O12 I3S E . -1.14 -2.84 -9.10
O10 I3S E . -2.83 -1.85 -10.79
O3 I3S E . -2.84 -0.99 -8.39
C3 I3S E . -2.24 -0.77 -7.11
C2 I3S E . -1.94 0.73 -6.91
O2 I3S E . -3.13 1.50 -7.15
C1 I3S E . -1.39 1.00 -5.50
O1 I3S E . -1.37 2.41 -5.24
P1 I3S E . -0.06 3.15 -4.63
OP2 I3S E . 1.22 2.31 -5.13
OP3 I3S E . -0.11 2.95 -3.03
OP1 I3S E . 0.00 4.56 -5.05
C6 I3S E . -2.23 0.34 -4.39
O6 I3S E . -1.53 0.48 -3.17
C5 I3S E . -2.47 -1.14 -4.66
O5 I3S E . -3.29 -1.70 -3.62
C4 I3S E . -3.17 -1.31 -6.01
O4 I3S E . -3.46 -2.69 -6.21
P4 I3S E . -5.01 -3.18 -6.27
OP5 I3S E . -4.86 -4.70 -6.77
OP6 I3S E . -5.56 -3.28 -4.76
OP4 I3S E . -5.87 -2.35 -7.14
#